data_5XPO
#
_entry.id   5XPO
#
_cell.length_a   153.560
_cell.length_b   43.390
_cell.length_c   42.130
_cell.angle_alpha   90.00
_cell.angle_beta   95.48
_cell.angle_gamma   90.00
#
_symmetry.space_group_name_H-M   'C 1 2 1'
#
loop_
_entity.id
_entity.type
_entity.pdbx_description
1 polymer 'Vitamin D3 receptor'
2 polymer 'Mediator of RNA polymerase II transcription subunit 1'
3 non-polymer '(5~{R})-5-[(1~{R},3~{a}~{S},4~{E},7~{a}~{R})-7~{a}-methyl-4-[2-[(3~{R},5~{R})-4-methylidene-3,5-bis(oxidanyl)cyclohexyl idene]ethylidene]-2,3,3~{a},5,6,7-hexahydro-1~{H}-inden-1-yl]-1-(4-hydroxyphenyl)hexan-1-one'
4 water water
#
loop_
_entity_poly.entity_id
_entity_poly.type
_entity_poly.pdbx_seq_one_letter_code
_entity_poly.pdbx_strand_id
1 'polypeptide(L)'
;GSHMGSPNSPLKDSLRPKLSEEQQHIIAILLDAHHKTYDPTYADFRDFRPPVRMDGSTGSVTLDLSPLSMLPHLADLVSY
SIQKVIGFAKMIPGFRDLTSDDQIVLLKSSAIEVIMLRSNQSFTMDDMSWDCGSQDYKYDVTDVSKAGHTLELIEPLIKF
QVGLKKLNLHEEEHVLLMAICIVSPDRPGVQDAKLVEAIQDRLSNTLQTYIRCRHPPPGSHQLYAKMIQKLADLRSLNEE
HSKQYRSLSFQPENSMKLTPLVLEVFGNEIS
;
A
2 'polypeptide(L)' KNHPMLMNLLKDN C
#
loop_
_chem_comp.id
_chem_comp.type
_chem_comp.name
_chem_comp.formula
8BL non-polymer '(5~{R})-5-[(1~{R},3~{a}~{S},4~{E},7~{a}~{R})-7~{a}-methyl-4-[2-[(3~{R},5~{R})-4-methylidene-3,5-bis(oxidanyl)cyclohexyl idene]ethylidene]-2,3,3~{a},5,6,7-hexahydro-1~{H}-inden-1-yl]-1-(4-hydroxyphenyl)hexan-1-one' 'C31 H42 O4'
#
# COMPACT_ATOMS: atom_id res chain seq x y z
N LYS A 18 13.56 26.42 -3.73
CA LYS A 18 12.59 26.18 -4.86
C LYS A 18 12.44 24.69 -5.15
N LEU A 19 11.37 24.35 -5.86
CA LEU A 19 11.16 23.01 -6.35
C LEU A 19 11.91 22.85 -7.70
N SER A 20 12.89 21.94 -7.74
CA SER A 20 13.80 21.81 -8.88
C SER A 20 13.19 21.01 -10.04
N GLU A 21 13.79 21.06 -11.21
CA GLU A 21 13.23 20.38 -12.39
C GLU A 21 13.33 18.87 -12.22
N GLU A 22 14.42 18.42 -11.58
CA GLU A 22 14.57 17.00 -11.20
C GLU A 22 13.44 16.58 -10.23
N GLN A 23 13.11 17.43 -9.27
CA GLN A 23 12.02 17.16 -8.35
C GLN A 23 10.67 17.23 -9.08
N GLN A 24 10.55 18.13 -10.03
CA GLN A 24 9.30 18.24 -10.80
C GLN A 24 9.21 17.01 -11.69
N HIS A 25 10.34 16.56 -12.16
CA HIS A 25 10.35 15.37 -12.96
C HIS A 25 9.86 14.19 -12.12
N ILE A 26 10.43 14.02 -10.93
CA ILE A 26 10.09 12.93 -10.00
C ILE A 26 8.61 12.85 -9.74
N ILE A 27 7.97 14.00 -9.51
CA ILE A 27 6.52 14.02 -9.29
C ILE A 27 5.76 13.57 -10.51
N ALA A 28 6.10 14.13 -11.66
CA ALA A 28 5.56 13.69 -12.92
C ALA A 28 5.58 12.19 -13.11
N ILE A 29 6.71 11.56 -12.85
CA ILE A 29 6.87 10.13 -13.06
C ILE A 29 5.93 9.37 -12.11
N LEU A 30 5.83 9.85 -10.87
CA LEU A 30 5.11 9.12 -9.82
C LEU A 30 3.61 9.24 -10.05
N LEU A 31 3.14 10.40 -10.48
CA LEU A 31 1.74 10.57 -10.88
C LEU A 31 1.30 9.65 -12.04
N ASP A 32 2.09 9.64 -13.11
CA ASP A 32 1.82 8.75 -14.22
C ASP A 32 1.93 7.26 -13.82
N ALA A 33 2.98 6.91 -13.07
CA ALA A 33 3.17 5.54 -12.58
C ALA A 33 1.92 5.05 -11.81
N HIS A 34 1.32 5.96 -11.03
CA HIS A 34 0.16 5.62 -10.23
C HIS A 34 -1.11 5.56 -11.06
N HIS A 35 -1.23 6.46 -12.02
CA HIS A 35 -2.35 6.42 -12.95
C HIS A 35 -2.39 5.14 -13.76
N LYS A 36 -1.24 4.58 -14.09
CA LYS A 36 -1.12 3.37 -14.89
C LYS A 36 -1.40 2.13 -14.04
N THR A 37 -1.25 2.27 -12.71
CA THR A 37 -1.43 1.16 -11.80
C THR A 37 -2.63 1.28 -10.88
N TYR A 38 -3.43 2.32 -11.02
CA TYR A 38 -4.60 2.46 -10.18
C TYR A 38 -5.82 2.87 -11.04
N ASP A 39 -6.76 1.94 -11.21
CA ASP A 39 -7.96 2.13 -12.05
C ASP A 39 -9.12 2.58 -11.14
N PRO A 40 -9.47 3.87 -11.21
CA PRO A 40 -10.50 4.38 -10.33
C PRO A 40 -11.92 3.83 -10.69
N THR A 41 -12.10 3.19 -11.85
CA THR A 41 -13.39 2.56 -12.20
C THR A 41 -13.49 1.16 -11.58
N TYR A 42 -12.37 0.58 -11.15
CA TYR A 42 -12.33 -0.75 -10.54
C TYR A 42 -12.86 -1.89 -11.42
N ALA A 43 -12.70 -1.74 -12.73
CA ALA A 43 -13.26 -2.66 -13.73
C ALA A 43 -12.76 -4.11 -13.57
N ASP A 44 -11.51 -4.28 -13.12
CA ASP A 44 -10.94 -5.64 -12.99
C ASP A 44 -11.51 -6.47 -11.86
N PHE A 45 -12.30 -5.85 -10.99
CA PHE A 45 -12.80 -6.52 -9.81
C PHE A 45 -13.72 -7.66 -10.19
N ARG A 46 -14.21 -7.62 -11.41
CA ARG A 46 -15.10 -8.65 -11.94
C ARG A 46 -14.34 -9.97 -12.13
N ASP A 47 -13.03 -9.92 -12.29
CA ASP A 47 -12.23 -11.13 -12.43
C ASP A 47 -12.06 -11.90 -11.12
N PHE A 48 -12.27 -11.23 -9.99
CA PHE A 48 -12.02 -11.88 -8.70
C PHE A 48 -13.13 -12.86 -8.40
N ARG A 49 -12.80 -13.90 -7.66
CA ARG A 49 -13.82 -14.79 -7.10
C ARG A 49 -14.92 -13.97 -6.43
N PRO A 50 -16.20 -14.35 -6.63
CA PRO A 50 -17.25 -13.43 -6.16
C PRO A 50 -17.27 -13.18 -4.62
N PRO A 51 -17.72 -11.99 -4.20
CA PRO A 51 -17.87 -11.71 -2.80
C PRO A 51 -19.09 -12.44 -2.23
N VAL A 52 -18.96 -12.95 -1.03
CA VAL A 52 -20.09 -13.56 -0.34
C VAL A 52 -20.25 -12.95 1.06
N ARG A 53 -21.34 -12.20 1.20
CA ARG A 53 -21.78 -11.64 2.46
C ARG A 53 -23.13 -12.31 2.65
N MET A 54 -23.35 -12.95 3.80
CA MET A 54 -24.52 -13.80 3.95
C MET A 54 -25.36 -13.29 5.11
N SER A 66 -21.86 -18.18 7.64
CA SER A 66 -20.87 -17.92 6.59
C SER A 66 -19.55 -17.36 7.15
N PRO A 67 -18.74 -18.26 7.76
CA PRO A 67 -17.45 -17.82 8.31
C PRO A 67 -16.38 -17.82 7.22
N LEU A 68 -15.53 -16.79 7.19
CA LEU A 68 -14.47 -16.67 6.17
C LEU A 68 -15.11 -16.58 4.80
N SER A 69 -16.32 -16.03 4.75
CA SER A 69 -17.06 -15.98 3.51
C SER A 69 -16.41 -15.03 2.53
N MET A 70 -15.83 -13.94 3.04
CA MET A 70 -15.27 -12.89 2.18
C MET A 70 -13.84 -13.18 1.78
N LEU A 71 -13.28 -14.25 2.31
CA LEU A 71 -11.88 -14.52 2.14
C LEU A 71 -11.41 -14.71 0.69
N PRO A 72 -12.08 -15.56 -0.12
CA PRO A 72 -11.58 -15.64 -1.51
C PRO A 72 -11.59 -14.31 -2.27
N HIS A 73 -12.63 -13.50 -2.07
CA HIS A 73 -12.76 -12.28 -2.82
C HIS A 73 -11.66 -11.31 -2.43
N LEU A 74 -11.49 -11.09 -1.12
CA LEU A 74 -10.48 -10.16 -0.62
C LEU A 74 -9.02 -10.63 -0.81
N ALA A 75 -8.79 -11.94 -0.76
CA ALA A 75 -7.50 -12.52 -1.08
C ALA A 75 -7.08 -12.21 -2.51
N ASP A 76 -8.06 -12.30 -3.42
CA ASP A 76 -7.90 -11.98 -4.81
C ASP A 76 -7.67 -10.48 -5.03
N LEU A 77 -8.43 -9.66 -4.34
CA LEU A 77 -8.22 -8.21 -4.46
C LEU A 77 -6.80 -7.82 -3.92
N VAL A 78 -6.42 -8.44 -2.83
CA VAL A 78 -5.06 -8.19 -2.30
C VAL A 78 -4.01 -8.65 -3.28
N SER A 79 -4.24 -9.80 -3.91
CA SER A 79 -3.28 -10.38 -4.84
C SER A 79 -3.04 -9.45 -6.03
N TYR A 80 -4.13 -9.00 -6.62
CA TYR A 80 -4.15 -8.00 -7.63
C TYR A 80 -3.41 -6.74 -7.19
N SER A 81 -3.77 -6.25 -6.02
CA SER A 81 -3.20 -5.05 -5.47
C SER A 81 -1.71 -5.19 -5.23
N ILE A 82 -1.28 -6.36 -4.79
CA ILE A 82 0.16 -6.63 -4.81
C ILE A 82 0.82 -6.43 -6.18
N GLN A 83 0.26 -6.97 -7.26
CA GLN A 83 0.86 -6.82 -8.59
C GLN A 83 0.92 -5.36 -9.01
N LYS A 84 -0.16 -4.65 -8.74
CA LYS A 84 -0.22 -3.25 -9.07
C LYS A 84 0.80 -2.37 -8.30
N VAL A 85 0.98 -2.70 -7.03
CA VAL A 85 2.04 -2.10 -6.22
C VAL A 85 3.45 -2.36 -6.78
N ILE A 86 3.69 -3.57 -7.24
CA ILE A 86 4.98 -3.88 -7.89
C ILE A 86 5.22 -3.04 -9.14
N GLY A 87 4.17 -2.92 -9.98
CA GLY A 87 4.12 -2.03 -11.17
C GLY A 87 4.45 -0.57 -10.86
N PHE A 88 3.90 -0.05 -9.75
CA PHE A 88 4.22 1.29 -9.27
C PHE A 88 5.65 1.35 -8.81
N ALA A 89 6.05 0.38 -7.99
CA ALA A 89 7.41 0.33 -7.48
C ALA A 89 8.50 0.41 -8.56
N LYS A 90 8.33 -0.38 -9.63
CA LYS A 90 9.34 -0.47 -10.68
C LYS A 90 9.61 0.87 -11.33
N MET A 91 8.56 1.67 -11.43
CA MET A 91 8.61 3.03 -12.00
C MET A 91 9.11 4.13 -11.06
N ILE A 92 9.50 3.81 -9.83
CA ILE A 92 10.06 4.82 -8.90
C ILE A 92 11.49 5.13 -9.31
N PRO A 93 11.81 6.42 -9.59
CA PRO A 93 13.21 6.77 -9.95
C PRO A 93 14.28 6.34 -8.98
N GLY A 94 15.24 5.55 -9.48
CA GLY A 94 16.34 4.98 -8.68
C GLY A 94 16.08 3.58 -8.13
N PHE A 95 14.83 3.13 -8.17
CA PHE A 95 14.47 1.82 -7.65
C PHE A 95 15.18 0.74 -8.44
N ARG A 96 15.37 0.98 -9.74
CA ARG A 96 16.01 0.03 -10.68
C ARG A 96 17.52 -0.14 -10.46
N ASP A 97 18.16 0.83 -9.80
CA ASP A 97 19.58 0.73 -9.47
C ASP A 97 19.86 -0.27 -8.35
N LEU A 98 18.81 -0.72 -7.65
CA LEU A 98 18.97 -1.61 -6.50
C LEU A 98 19.26 -3.03 -6.96
N THR A 99 19.79 -3.86 -6.08
CA THR A 99 20.01 -5.28 -6.39
C THR A 99 18.62 -5.90 -6.39
N SER A 100 18.44 -6.95 -7.19
CA SER A 100 17.20 -7.70 -7.21
C SER A 100 16.82 -8.17 -5.85
N ASP A 101 17.80 -8.63 -5.07
CA ASP A 101 17.52 -9.08 -3.70
C ASP A 101 16.89 -7.95 -2.89
N ASP A 102 17.35 -6.73 -3.12
CA ASP A 102 16.89 -5.59 -2.33
C ASP A 102 15.54 -5.11 -2.85
N GLN A 103 15.36 -5.14 -4.15
CA GLN A 103 14.04 -4.91 -4.68
C GLN A 103 13.02 -5.83 -4.02
N ILE A 104 13.39 -7.11 -3.92
CA ILE A 104 12.54 -8.11 -3.34
C ILE A 104 12.24 -7.88 -1.86
N VAL A 105 13.26 -7.56 -1.07
CA VAL A 105 13.11 -7.30 0.35
C VAL A 105 12.15 -6.12 0.53
N LEU A 106 12.33 -5.07 -0.25
CA LEU A 106 11.54 -3.85 -0.05
C LEU A 106 10.07 -4.10 -0.43
N LEU A 107 9.85 -4.82 -1.52
CA LEU A 107 8.47 -5.14 -1.87
C LEU A 107 7.79 -6.03 -0.87
N LYS A 108 8.52 -7.03 -0.37
CA LYS A 108 7.94 -7.99 0.54
C LYS A 108 7.39 -7.34 1.79
N SER A 109 8.15 -6.41 2.32
CA SER A 109 7.84 -5.80 3.62
C SER A 109 6.86 -4.67 3.48
N SER A 110 6.84 -3.97 2.35
CA SER A 110 5.97 -2.77 2.21
C SER A 110 4.62 -3.05 1.57
N ALA A 111 4.44 -4.25 1.02
CA ALA A 111 3.30 -4.48 0.13
C ALA A 111 1.98 -4.19 0.81
N ILE A 112 1.80 -4.75 2.00
CA ILE A 112 0.61 -4.54 2.75
C ILE A 112 0.45 -3.07 3.13
N GLU A 113 1.57 -2.39 3.41
CA GLU A 113 1.50 -0.99 3.81
C GLU A 113 1.03 -0.11 2.65
N VAL A 114 1.59 -0.35 1.47
CA VAL A 114 1.21 0.40 0.27
C VAL A 114 -0.18 0.07 -0.12
N ILE A 115 -0.61 -1.18 0.05
CA ILE A 115 -2.00 -1.50 -0.21
C ILE A 115 -2.95 -0.72 0.74
N MET A 116 -2.57 -0.63 2.01
CA MET A 116 -3.34 0.17 2.96
C MET A 116 -3.39 1.63 2.57
N LEU A 117 -2.26 2.16 2.13
CA LEU A 117 -2.14 3.56 1.71
C LEU A 117 -2.95 3.84 0.45
N ARG A 118 -2.78 3.00 -0.56
CA ARG A 118 -3.49 3.23 -1.83
C ARG A 118 -4.99 3.06 -1.65
N SER A 119 -5.39 2.25 -0.66
CA SER A 119 -6.82 2.02 -0.43
C SER A 119 -7.56 3.26 0.10
N ASN A 120 -6.82 4.27 0.52
CA ASN A 120 -7.42 5.49 1.03
C ASN A 120 -8.25 6.16 -0.04
N GLN A 121 -7.84 5.99 -1.30
CA GLN A 121 -8.54 6.51 -2.45
C GLN A 121 -9.95 5.99 -2.59
N SER A 122 -10.20 4.73 -2.25
CA SER A 122 -11.56 4.18 -2.24
C SER A 122 -12.27 4.29 -0.90
N PHE A 123 -11.54 4.61 0.15
CA PHE A 123 -12.14 4.75 1.48
C PHE A 123 -12.95 6.03 1.59
N THR A 124 -14.12 5.92 2.21
CA THR A 124 -15.02 7.06 2.33
C THR A 124 -15.47 7.23 3.76
N MET A 125 -15.33 8.44 4.28
CA MET A 125 -15.82 8.73 5.62
C MET A 125 -17.35 8.76 5.71
N ASP A 126 -18.02 8.86 4.56
CA ASP A 126 -19.45 9.00 4.54
C ASP A 126 -20.00 7.87 5.40
N ASP A 127 -19.50 6.65 5.19
CA ASP A 127 -19.98 5.50 5.96
C ASP A 127 -18.87 4.56 6.36
N MET A 128 -17.64 5.09 6.44
CA MET A 128 -16.47 4.37 6.94
C MET A 128 -16.16 3.08 6.20
N SER A 129 -16.16 3.15 4.89
CA SER A 129 -16.06 1.95 4.10
C SER A 129 -15.20 2.26 2.88
N TRP A 130 -14.68 1.20 2.27
CA TRP A 130 -14.00 1.30 0.98
C TRP A 130 -15.01 1.10 -0.13
N ASP A 131 -15.27 2.17 -0.87
CA ASP A 131 -16.31 2.16 -1.88
C ASP A 131 -15.70 2.03 -3.25
N CYS A 132 -15.69 0.80 -3.79
CA CYS A 132 -15.11 0.55 -5.11
C CYS A 132 -16.14 0.54 -6.26
N GLY A 133 -17.08 1.49 -6.25
CA GLY A 133 -18.01 1.74 -7.38
C GLY A 133 -19.38 1.06 -7.38
N SER A 134 -19.57 0.03 -6.58
CA SER A 134 -20.82 -0.72 -6.54
C SER A 134 -20.94 -1.45 -5.22
N GLN A 135 -22.16 -1.67 -4.76
CA GLN A 135 -22.37 -2.25 -3.44
C GLN A 135 -21.71 -3.65 -3.26
N ASP A 136 -21.62 -4.42 -4.35
CA ASP A 136 -20.89 -5.69 -4.31
C ASP A 136 -19.41 -5.47 -4.01
N TYR A 137 -18.87 -4.36 -4.54
CA TYR A 137 -17.47 -3.96 -4.36
C TYR A 137 -17.30 -2.79 -3.39
N LYS A 138 -18.18 -2.69 -2.42
CA LYS A 138 -18.01 -1.72 -1.36
C LYS A 138 -17.78 -2.56 -0.12
N TYR A 139 -16.68 -2.30 0.61
CA TYR A 139 -16.30 -3.16 1.75
C TYR A 139 -16.28 -2.42 3.09
N ASP A 140 -16.73 -3.12 4.14
CA ASP A 140 -16.89 -2.54 5.46
C ASP A 140 -16.31 -3.41 6.54
N VAL A 141 -16.47 -2.97 7.78
CA VAL A 141 -15.85 -3.65 8.93
C VAL A 141 -16.25 -5.13 8.98
N THR A 142 -17.53 -5.39 8.73
CA THR A 142 -18.05 -6.76 8.80
C THR A 142 -17.47 -7.61 7.68
N ASP A 143 -17.26 -7.01 6.50
CA ASP A 143 -16.67 -7.74 5.37
C ASP A 143 -15.26 -8.15 5.67
N VAL A 144 -14.46 -7.26 6.28
CA VAL A 144 -13.06 -7.56 6.60
C VAL A 144 -13.02 -8.60 7.68
N SER A 145 -13.92 -8.47 8.65
CA SER A 145 -14.12 -9.51 9.68
C SER A 145 -14.43 -10.90 9.07
N LYS A 146 -15.25 -10.92 8.02
CA LYS A 146 -15.58 -12.17 7.27
C LYS A 146 -14.41 -12.67 6.43
N ALA A 147 -13.27 -11.97 6.48
CA ALA A 147 -12.09 -12.43 5.78
C ALA A 147 -11.14 -13.10 6.73
N GLY A 148 -11.58 -13.42 7.96
CA GLY A 148 -10.67 -13.96 9.01
C GLY A 148 -9.85 -12.99 9.89
N HIS A 149 -9.97 -11.67 9.66
CA HIS A 149 -9.20 -10.69 10.43
C HIS A 149 -10.05 -10.11 11.55
N THR A 150 -9.45 -9.94 12.74
CA THR A 150 -10.17 -9.41 13.90
C THR A 150 -10.07 -7.90 14.03
N LEU A 151 -10.73 -7.39 15.07
CA LEU A 151 -10.77 -5.96 15.36
C LEU A 151 -9.45 -5.43 15.83
N GLU A 152 -8.57 -6.31 16.24
CA GLU A 152 -7.24 -5.89 16.63
C GLU A 152 -6.51 -5.14 15.49
N LEU A 153 -6.75 -5.63 14.26
CA LEU A 153 -6.28 -5.02 13.03
C LEU A 153 -7.25 -3.99 12.51
N ILE A 154 -8.51 -4.35 12.44
CA ILE A 154 -9.51 -3.50 11.78
C ILE A 154 -9.81 -2.17 12.47
N GLU A 155 -9.85 -2.15 13.79
CA GLU A 155 -10.18 -0.89 14.47
C GLU A 155 -9.05 0.10 14.17
N PRO A 156 -7.80 -0.30 14.35
CA PRO A 156 -6.72 0.67 14.06
C PRO A 156 -6.48 0.90 12.54
N LEU A 157 -6.86 -0.06 11.68
CA LEU A 157 -6.81 0.19 10.23
C LEU A 157 -7.77 1.29 9.84
N ILE A 158 -9.00 1.24 10.34
CA ILE A 158 -9.98 2.28 9.98
C ILE A 158 -9.56 3.61 10.56
N LYS A 159 -9.08 3.62 11.80
CA LYS A 159 -8.54 4.86 12.37
C LYS A 159 -7.52 5.46 11.43
N PHE A 160 -6.68 4.60 10.88
CA PHE A 160 -5.59 5.02 10.02
C PHE A 160 -6.13 5.69 8.78
N GLN A 161 -7.11 5.05 8.16
CA GLN A 161 -7.79 5.59 7.00
C GLN A 161 -8.48 6.93 7.26
N VAL A 162 -9.11 7.11 8.41
CA VAL A 162 -9.76 8.40 8.72
C VAL A 162 -8.71 9.49 8.86
N GLY A 163 -7.67 9.18 9.66
CA GLY A 163 -6.57 10.14 9.90
C GLY A 163 -5.81 10.58 8.62
N LEU A 164 -5.66 9.64 7.69
CA LEU A 164 -5.03 9.91 6.41
C LEU A 164 -5.97 10.67 5.50
N LYS A 165 -7.26 10.29 5.52
CA LYS A 165 -8.25 11.02 4.70
C LYS A 165 -8.28 12.48 5.15
N LYS A 166 -8.28 12.69 6.46
CA LYS A 166 -8.29 14.06 7.04
C LYS A 166 -7.14 14.93 6.59
N LEU A 167 -6.03 14.35 6.17
CA LEU A 167 -4.92 15.12 5.64
C LEU A 167 -5.26 15.76 4.28
N ASN A 168 -6.15 15.13 3.56
CA ASN A 168 -6.61 15.65 2.29
C ASN A 168 -5.44 15.99 1.40
N LEU A 169 -4.59 14.98 1.20
CA LEU A 169 -3.35 15.17 0.46
C LEU A 169 -3.65 15.50 -1.01
N HIS A 170 -2.77 16.31 -1.59
CA HIS A 170 -2.69 16.41 -3.02
C HIS A 170 -2.32 15.01 -3.56
N GLU A 171 -2.73 14.72 -4.77
CA GLU A 171 -2.39 13.45 -5.34
C GLU A 171 -0.90 13.30 -5.36
N GLU A 172 -0.20 14.40 -5.62
CA GLU A 172 1.27 14.47 -5.67
C GLU A 172 1.91 13.99 -4.37
N GLU A 173 1.36 14.43 -3.25
CA GLU A 173 1.78 13.97 -1.94
C GLU A 173 1.47 12.49 -1.68
N HIS A 174 0.32 12.04 -2.13
CA HIS A 174 -0.12 10.66 -2.01
C HIS A 174 0.92 9.71 -2.67
N VAL A 175 1.34 10.05 -3.91
CA VAL A 175 2.22 9.16 -4.68
C VAL A 175 3.63 9.16 -4.11
N LEU A 176 4.07 10.32 -3.63
CA LEU A 176 5.36 10.41 -2.95
C LEU A 176 5.40 9.59 -1.66
N LEU A 177 4.32 9.62 -0.87
CA LEU A 177 4.24 8.85 0.39
C LEU A 177 4.36 7.35 0.14
N MET A 178 3.68 6.85 -0.87
CA MET A 178 3.70 5.45 -1.23
C MET A 178 5.08 5.08 -1.65
N ALA A 179 5.76 5.98 -2.37
CA ALA A 179 7.11 5.64 -2.88
C ALA A 179 8.12 5.64 -1.78
N ILE A 180 7.98 6.60 -0.86
CA ILE A 180 8.89 6.71 0.30
C ILE A 180 8.72 5.50 1.20
N CYS A 181 7.48 5.03 1.37
CA CYS A 181 7.19 3.79 2.13
C CYS A 181 7.92 2.55 1.53
N ILE A 182 7.94 2.47 0.21
CA ILE A 182 8.52 1.31 -0.49
C ILE A 182 10.04 1.34 -0.33
N VAL A 183 10.63 2.51 -0.55
CA VAL A 183 12.09 2.62 -0.39
C VAL A 183 12.52 3.01 1.00
N SER A 184 12.33 2.12 1.96
CA SER A 184 12.76 2.35 3.34
C SER A 184 14.07 1.58 3.65
N PRO A 185 15.11 2.26 4.22
CA PRO A 185 16.37 1.53 4.40
C PRO A 185 16.39 0.58 5.62
N ASP A 186 15.46 0.71 6.55
CA ASP A 186 15.48 -0.09 7.76
C ASP A 186 14.75 -1.42 7.68
N ARG A 187 14.21 -1.77 6.52
CA ARG A 187 13.48 -3.03 6.39
C ARG A 187 14.47 -4.16 6.67
N PRO A 188 14.07 -5.18 7.46
CA PRO A 188 15.06 -6.23 7.70
C PRO A 188 15.48 -6.96 6.41
N GLY A 189 16.76 -7.32 6.32
CA GLY A 189 17.31 -8.07 5.21
C GLY A 189 17.84 -7.15 4.16
N VAL A 190 17.94 -5.87 4.47
CA VAL A 190 18.36 -4.89 3.46
C VAL A 190 19.86 -4.89 3.36
N GLN A 191 20.36 -5.09 2.16
CA GLN A 191 21.78 -5.17 1.95
C GLN A 191 22.33 -3.77 1.81
N ASP A 192 22.09 -3.14 0.66
CA ASP A 192 22.69 -1.83 0.39
C ASP A 192 21.85 -0.68 0.97
N ALA A 193 21.80 -0.62 2.30
CA ALA A 193 21.04 0.39 3.01
C ALA A 193 21.44 1.80 2.61
N LYS A 194 22.73 2.07 2.48
CA LYS A 194 23.16 3.42 2.14
C LYS A 194 22.50 3.85 0.83
N LEU A 195 22.54 2.97 -0.16
CA LEU A 195 21.87 3.31 -1.42
C LEU A 195 20.33 3.44 -1.27
N VAL A 196 19.72 2.55 -0.51
CA VAL A 196 18.27 2.64 -0.26
C VAL A 196 17.91 4.03 0.33
N GLU A 197 18.70 4.45 1.32
CA GLU A 197 18.56 5.78 1.97
C GLU A 197 18.72 6.92 0.98
N ALA A 198 19.68 6.80 0.07
CA ALA A 198 19.90 7.85 -0.91
C ALA A 198 18.67 7.97 -1.82
N ILE A 199 18.09 6.86 -2.26
CA ILE A 199 16.85 6.95 -3.02
C ILE A 199 15.72 7.62 -2.18
N GLN A 200 15.44 7.10 -0.98
CA GLN A 200 14.33 7.62 -0.18
C GLN A 200 14.52 9.13 0.11
N ASP A 201 15.74 9.53 0.47
CA ASP A 201 16.05 10.92 0.78
C ASP A 201 15.66 11.81 -0.39
N ARG A 202 16.04 11.41 -1.58
CA ARG A 202 15.62 12.13 -2.77
C ARG A 202 14.10 12.32 -2.83
N LEU A 203 13.35 11.26 -2.54
CA LEU A 203 11.86 11.36 -2.50
C LEU A 203 11.40 12.18 -1.29
N SER A 204 11.95 11.95 -0.10
CA SER A 204 11.62 12.77 1.07
C SER A 204 11.80 14.31 0.78
N ASN A 205 12.96 14.67 0.26
CA ASN A 205 13.28 16.08 -0.02
C ASN A 205 12.37 16.61 -1.06
N THR A 206 12.04 15.78 -2.05
CA THR A 206 11.08 16.18 -3.04
C THR A 206 9.72 16.49 -2.36
N LEU A 207 9.36 15.68 -1.38
CA LEU A 207 8.08 15.87 -0.70
C LEU A 207 8.09 17.12 0.21
N GLN A 208 9.10 17.26 1.06
CA GLN A 208 9.23 18.48 1.91
C GLN A 208 9.11 19.73 1.04
N THR A 209 9.87 19.78 -0.04
CA THR A 209 9.95 20.97 -0.85
C THR A 209 8.59 21.25 -1.52
N TYR A 210 7.93 20.21 -2.05
CA TYR A 210 6.59 20.34 -2.65
C TYR A 210 5.57 20.91 -1.73
N ILE A 211 5.60 20.49 -0.47
CA ILE A 211 4.59 20.93 0.50
C ILE A 211 4.77 22.43 0.73
N ARG A 212 6.02 22.84 0.86
CA ARG A 212 6.34 24.25 1.08
C ARG A 212 5.94 25.15 -0.09
N CYS A 213 6.23 24.73 -1.32
CA CYS A 213 5.91 25.56 -2.49
C CYS A 213 4.48 25.37 -2.98
N ARG A 214 3.91 24.19 -2.84
CA ARG A 214 2.61 23.93 -3.44
C ARG A 214 1.48 23.74 -2.49
N HIS A 215 1.72 23.57 -1.20
CA HIS A 215 0.59 23.24 -0.30
C HIS A 215 0.23 24.47 0.53
N PRO A 216 -0.95 25.06 0.29
CA PRO A 216 -1.20 26.33 1.02
C PRO A 216 -1.63 26.09 2.47
N PRO A 217 -1.30 27.02 3.37
CA PRO A 217 -1.80 26.83 4.72
C PRO A 217 -3.31 27.13 4.84
N PRO A 218 -3.95 26.63 5.92
CA PRO A 218 -3.28 25.85 6.95
C PRO A 218 -3.15 24.34 6.68
N GLY A 219 -3.62 23.85 5.55
CA GLY A 219 -3.37 22.43 5.23
C GLY A 219 -1.92 21.95 5.37
N SER A 220 -0.95 22.81 5.06
CA SER A 220 0.48 22.46 5.07
C SER A 220 1.09 22.34 6.44
N HIS A 221 0.31 22.66 7.46
CA HIS A 221 0.85 22.85 8.80
C HIS A 221 1.24 21.52 9.39
N GLN A 222 2.55 21.37 9.59
CA GLN A 222 3.14 20.13 10.14
C GLN A 222 2.81 18.92 9.26
N LEU A 223 2.50 19.16 8.00
CA LEU A 223 1.97 18.12 7.11
C LEU A 223 3.03 17.04 6.84
N TYR A 224 4.28 17.42 6.69
CA TYR A 224 5.37 16.45 6.48
C TYR A 224 5.50 15.48 7.62
N ALA A 225 5.54 16.05 8.82
CA ALA A 225 5.64 15.30 10.06
C ALA A 225 4.45 14.40 10.29
N LYS A 226 3.26 14.88 9.95
CA LYS A 226 2.05 14.07 10.01
C LYS A 226 2.04 12.90 9.00
N MET A 227 2.56 13.14 7.81
CA MET A 227 2.74 12.07 6.82
C MET A 227 3.75 11.02 7.27
N ILE A 228 4.88 11.48 7.80
CA ILE A 228 5.90 10.60 8.39
C ILE A 228 5.32 9.78 9.55
N GLN A 229 4.45 10.39 10.35
CA GLN A 229 3.84 9.68 11.44
C GLN A 229 3.01 8.52 10.88
N LYS A 230 2.41 8.73 9.72
CA LYS A 230 1.64 7.68 9.06
C LYS A 230 2.49 6.48 8.66
N LEU A 231 3.71 6.72 8.21
CA LEU A 231 4.65 5.63 7.98
C LEU A 231 4.91 4.78 9.25
N ALA A 232 4.95 5.43 10.42
CA ALA A 232 5.05 4.72 11.69
C ALA A 232 3.76 3.99 12.04
N ASP A 233 2.60 4.61 11.83
CA ASP A 233 1.36 3.87 12.02
C ASP A 233 1.31 2.58 11.16
N LEU A 234 1.74 2.70 9.90
CA LEU A 234 1.75 1.55 9.01
C LEU A 234 2.62 0.39 9.49
N ARG A 235 3.78 0.68 10.09
CA ARG A 235 4.67 -0.39 10.63
C ARG A 235 3.90 -1.23 11.61
N SER A 236 3.21 -0.57 12.53
CA SER A 236 2.38 -1.24 13.54
C SER A 236 1.21 -2.02 12.89
N LEU A 237 0.61 -1.45 11.86
CA LEU A 237 -0.44 -2.17 11.13
C LEU A 237 0.11 -3.43 10.44
N ASN A 238 1.31 -3.29 9.93
CA ASN A 238 2.02 -4.37 9.30
C ASN A 238 2.40 -5.53 10.24
N GLU A 239 2.96 -5.15 11.38
CA GLU A 239 3.23 -6.07 12.48
C GLU A 239 1.97 -6.87 12.81
N GLU A 240 0.85 -6.19 13.02
CA GLU A 240 -0.38 -6.89 13.43
C GLU A 240 -0.88 -7.79 12.29
N HIS A 241 -0.79 -7.27 11.07
CA HIS A 241 -1.21 -8.04 9.90
C HIS A 241 -0.41 -9.35 9.83
N SER A 242 0.89 -9.26 9.95
CA SER A 242 1.75 -10.44 9.99
C SER A 242 1.32 -11.49 11.06
N LYS A 243 1.10 -11.07 12.30
CA LYS A 243 0.68 -12.00 13.36
C LYS A 243 -0.62 -12.69 12.96
N GLN A 244 -1.63 -11.94 12.54
CA GLN A 244 -2.90 -12.53 12.14
C GLN A 244 -2.76 -13.38 10.84
N TYR A 245 -1.90 -12.96 9.93
CA TYR A 245 -1.63 -13.77 8.75
C TYR A 245 -1.07 -15.12 9.20
N ARG A 246 -0.09 -15.08 10.09
CA ARG A 246 0.56 -16.27 10.58
C ARG A 246 -0.43 -17.21 11.29
N SER A 247 -1.38 -16.64 12.03
CA SER A 247 -2.38 -17.44 12.73
C SER A 247 -3.33 -18.07 11.76
N LEU A 248 -3.86 -17.28 10.85
CA LEU A 248 -4.79 -17.80 9.86
C LEU A 248 -4.10 -18.93 9.05
N SER A 249 -2.81 -18.73 8.76
CA SER A 249 -2.04 -19.61 7.86
C SER A 249 -1.76 -20.97 8.48
N PHE A 250 -1.64 -21.01 9.80
CA PHE A 250 -1.34 -22.26 10.52
C PHE A 250 -2.36 -23.32 10.12
N GLN A 251 -3.64 -22.94 10.04
CA GLN A 251 -4.68 -23.75 9.40
C GLN A 251 -4.46 -23.80 7.84
N PRO A 252 -4.20 -25.01 7.26
CA PRO A 252 -3.95 -25.07 5.80
C PRO A 252 -5.18 -24.86 4.87
N GLU A 253 -6.39 -25.05 5.39
CA GLU A 253 -7.60 -24.78 4.63
C GLU A 253 -7.75 -23.31 4.23
N ASN A 254 -7.39 -22.40 5.13
CA ASN A 254 -7.38 -20.96 4.81
C ASN A 254 -6.37 -20.59 3.73
N SER A 255 -5.17 -21.07 3.97
CA SER A 255 -4.04 -20.91 3.08
C SER A 255 -4.40 -21.40 1.66
N MET A 256 -5.21 -22.45 1.60
CA MET A 256 -5.70 -22.98 0.34
C MET A 256 -6.50 -21.95 -0.45
N LYS A 257 -7.30 -21.15 0.25
CA LYS A 257 -8.09 -20.14 -0.42
C LYS A 257 -7.31 -18.84 -0.83
N LEU A 258 -6.04 -18.73 -0.43
CA LEU A 258 -5.19 -17.59 -0.84
C LEU A 258 -4.65 -17.81 -2.24
N THR A 259 -3.86 -16.88 -2.75
CA THR A 259 -3.28 -17.03 -4.07
C THR A 259 -1.79 -17.41 -3.96
N PRO A 260 -1.25 -17.94 -5.03
CA PRO A 260 0.19 -18.22 -4.90
C PRO A 260 1.02 -16.93 -4.64
N LEU A 261 0.68 -15.80 -5.25
CA LEU A 261 1.48 -14.58 -5.07
C LEU A 261 1.35 -14.10 -3.64
N VAL A 262 0.17 -14.28 -3.07
CA VAL A 262 -0.06 -13.85 -1.70
C VAL A 262 0.74 -14.73 -0.76
N LEU A 263 0.81 -16.03 -1.01
CA LEU A 263 1.62 -16.94 -0.19
C LEU A 263 3.09 -16.62 -0.29
N GLU A 264 3.54 -16.31 -1.50
CA GLU A 264 4.93 -15.99 -1.66
C GLU A 264 5.28 -14.68 -0.93
N VAL A 265 4.43 -13.66 -1.05
CA VAL A 265 4.77 -12.33 -0.51
C VAL A 265 4.52 -12.26 0.98
N PHE A 266 3.39 -12.75 1.46
CA PHE A 266 3.13 -12.71 2.89
C PHE A 266 3.85 -13.80 3.72
N GLY A 267 4.19 -14.92 3.08
CA GLY A 267 4.87 -16.01 3.76
C GLY A 267 3.95 -17.18 4.05
N ASN B 2 14.62 -16.35 -2.79
CA ASN B 2 13.66 -17.49 -2.72
C ASN B 2 12.23 -17.17 -3.25
N HIS B 3 12.10 -16.20 -4.16
CA HIS B 3 10.79 -15.61 -4.48
C HIS B 3 10.50 -15.57 -5.95
N PRO B 4 10.25 -16.73 -6.54
CA PRO B 4 10.07 -16.86 -8.01
C PRO B 4 9.11 -15.84 -8.64
N MET B 5 7.91 -15.70 -8.10
CA MET B 5 6.86 -14.86 -8.70
C MET B 5 7.14 -13.37 -8.55
N LEU B 6 7.52 -12.96 -7.35
CA LEU B 6 7.89 -11.56 -7.08
C LEU B 6 9.06 -11.16 -7.99
N MET B 7 10.02 -12.06 -8.15
CA MET B 7 11.15 -11.83 -9.03
C MET B 7 10.72 -11.65 -10.47
N ASN B 8 9.85 -12.52 -10.94
CA ASN B 8 9.35 -12.38 -12.30
C ASN B 8 8.60 -11.06 -12.58
N LEU B 9 7.83 -10.62 -11.59
CA LEU B 9 7.04 -9.40 -11.75
C LEU B 9 7.90 -8.12 -11.63
N LEU B 10 9.00 -8.23 -10.88
CA LEU B 10 9.98 -7.15 -10.75
C LEU B 10 10.88 -6.98 -11.93
N LYS B 11 11.25 -8.08 -12.58
CA LYS B 11 12.09 -7.98 -13.78
C LYS B 11 11.51 -7.01 -14.82
O25 8BL C . -5.36 -10.63 2.86
C24 8BL C . -6.32 -11.27 3.31
C25 8BL C . -6.02 -12.55 4.03
C30 8BL C . -4.66 -12.92 4.26
C29 8BL C . -4.36 -14.14 4.87
C28 8BL C . -5.39 -15.00 5.29
O29 8BL C . -5.10 -16.23 5.89
C27 8BL C . -6.71 -14.63 5.04
C26 8BL C . -7.02 -13.40 4.42
C23 8BL C . -7.69 -10.70 3.00
C20 8BL C . -7.94 -9.55 3.96
C19 8BL C . -7.14 -8.28 3.65
C18 8BL C . -7.70 -7.16 4.51
C22 8BL C . -7.25 -7.27 5.95
C17 8BL C . -7.43 -5.71 4.12
C13 8BL C . -8.43 -5.12 3.09
C21 8BL C . -8.37 -5.77 1.68
C12 8BL C . -9.85 -5.06 3.55
C11 8BL C . -10.66 -4.08 2.71
C10 8BL C . -9.95 -2.76 2.36
C16 8BL C . -6.06 -5.31 3.61
C15 8BL C . -6.29 -3.94 2.96
C14 8BL C . -7.82 -3.74 3.03
C9 8BL C . -8.55 -3.03 1.93
C8 8BL C . -8.01 -2.70 0.74
C7 8BL C . -8.81 -2.05 -0.28
C6 8BL C . -8.45 -1.80 -1.55
C1 8BL C . -9.50 -1.11 -2.42
C5 8BL C . -7.09 -2.18 -2.11
C4 8BL C . -6.61 -1.12 -3.08
O2 8BL C . -5.46 -1.68 -3.71
C3 8BL C . -7.66 -0.84 -4.08
C33 8BL C . -7.50 -1.16 -5.36
C2 8BL C . -8.98 -0.29 -3.60
O1 8BL C . -8.89 1.11 -3.33
#